data_7ENT
#
_entry.id   7ENT
#
_cell.length_a   61.460
_cell.length_b   61.460
_cell.length_c   334.599
_cell.angle_alpha   90.000
_cell.angle_beta   90.000
_cell.angle_gamma   120.000
#
_symmetry.space_group_name_H-M   'P 65 2 2'
#
loop_
_entity.id
_entity.type
_entity.pdbx_description
1 polymer 'Tryptophan--tRNA ligase'
2 non-polymer "ADENOSINE-5'-TRIPHOSPHATE"
3 non-polymer 'MAGNESIUM ION'
4 non-polymer (5S)-2-(methylamino)-5-[(1R)-1-(4-methyl-1H-indol-3-yl)ethyl]-1,3-oxazol-4-one
5 water water
#
_entity_poly.entity_id   1
_entity_poly.type   'polypeptide(L)'
_entity_poly.pdbx_seq_one_letter_code
;MSTPTGSRRIFSGVQPTSDSLHLGNALGAVAQWVGLQDDHDAFFCVVDLHAITIPQDPEALRRRTLITAAQYLALGIDPG
RATIFVQSQVPAHTQLAWVLGCFTGFGQASRMTQFKDKSARQGSEATTVGLFTYPVLQAADVLAYDTELVPVGEDQRQHL
ELARDVAQRFNSRFPGTLVVPDVLIPKMTAKIYDLQDPTSKMSKSAGTDAGLINLLDDPALSAKKIRSAVTDSERDIRYD
PDVKPGVSNLLNIQSAVTGTDIDVLVDGYAGHGYGDLKKDTAEAVVEFVNPIQARVDELTADPAELEAVLAAGAQRAHDV
ASKTVQRVYDRLGFLLLEHHHHHH
;
_entity_poly.pdbx_strand_id   A
#
# COMPACT_ATOMS: atom_id res chain seq x y z
N THR A 5 -15.73 -3.14 17.02
CA THR A 5 -17.01 -3.15 16.32
C THR A 5 -16.94 -3.71 14.87
N GLY A 6 -17.68 -3.10 13.94
CA GLY A 6 -17.65 -3.46 12.53
C GLY A 6 -17.95 -2.27 11.62
N SER A 7 -17.84 -1.06 12.18
CA SER A 7 -18.13 0.19 11.51
C SER A 7 -16.84 0.88 11.06
N ARG A 8 -17.00 1.84 10.14
CA ARG A 8 -15.86 2.53 9.55
C ARG A 8 -14.87 1.52 8.98
N ARG A 9 -15.42 0.45 8.41
CA ARG A 9 -14.66 -0.64 7.81
C ARG A 9 -13.63 -0.13 6.80
N ILE A 10 -12.41 -0.62 6.96
CA ILE A 10 -11.24 -0.20 6.20
C ILE A 10 -10.66 -1.43 5.51
N PHE A 11 -10.17 -1.27 4.30
CA PHE A 11 -9.43 -2.34 3.63
C PHE A 11 -8.27 -1.75 2.85
N SER A 12 -7.11 -2.38 2.93
CA SER A 12 -6.01 -1.99 2.05
C SER A 12 -5.00 -3.15 1.98
N GLY A 13 -4.10 -3.08 1.01
CA GLY A 13 -3.22 -4.20 0.73
C GLY A 13 -1.91 -3.77 0.11
N VAL A 14 -0.89 -4.63 0.27
CA VAL A 14 0.41 -4.45 -0.37
C VAL A 14 0.82 -5.81 -0.94
N GLN A 15 1.48 -5.78 -2.09
CA GLN A 15 1.95 -6.97 -2.78
C GLN A 15 3.25 -7.48 -2.17
N PRO A 16 3.38 -8.79 -1.95
CA PRO A 16 4.66 -9.34 -1.49
C PRO A 16 5.63 -9.53 -2.65
N THR A 17 5.91 -8.46 -3.37
CA THR A 17 6.75 -8.55 -4.55
C THR A 17 8.23 -8.32 -4.27
N SER A 18 8.63 -8.10 -3.02
CA SER A 18 10.02 -7.83 -2.71
C SER A 18 10.33 -8.17 -1.26
N ASP A 19 11.62 -8.11 -0.95
CA ASP A 19 12.06 -8.47 0.39
C ASP A 19 11.88 -7.34 1.38
N SER A 20 11.41 -6.18 0.94
CA SER A 20 11.22 -5.04 1.84
C SER A 20 10.16 -4.12 1.28
N LEU A 21 9.35 -3.55 2.16
CA LEU A 21 8.62 -2.35 1.77
C LEU A 21 9.62 -1.22 1.65
N HIS A 22 9.29 -0.23 0.82
CA HIS A 22 10.09 0.97 0.78
C HIS A 22 9.33 2.11 1.48
N LEU A 23 9.99 3.25 1.58
CA LEU A 23 9.44 4.36 2.35
C LEU A 23 8.07 4.77 1.83
N GLY A 24 7.83 4.63 0.51
CA GLY A 24 6.55 4.98 -0.04
C GLY A 24 5.43 4.12 0.51
N ASN A 25 5.65 2.80 0.55
CA ASN A 25 4.70 1.88 1.19
C ASN A 25 4.50 2.22 2.65
N ALA A 26 5.58 2.54 3.35
CA ALA A 26 5.47 2.72 4.80
C ALA A 26 4.87 4.08 5.15
N LEU A 27 5.26 5.14 4.44
CA LEU A 27 4.72 6.46 4.75
C LEU A 27 3.43 6.75 3.99
N GLY A 28 3.32 6.33 2.74
CA GLY A 28 2.15 6.62 1.94
C GLY A 28 0.98 5.69 2.13
N ALA A 29 1.19 4.53 2.76
CA ALA A 29 0.08 3.64 3.03
C ALA A 29 0.05 3.19 4.48
N VAL A 30 1.10 2.48 4.93
CA VAL A 30 1.00 1.76 6.21
C VAL A 30 0.92 2.72 7.40
N ALA A 31 1.53 3.91 7.29
CA ALA A 31 1.39 4.90 8.36
C ALA A 31 -0.05 5.36 8.53
N GLN A 32 -0.78 5.56 7.42
CA GLN A 32 -2.20 5.89 7.53
C GLN A 32 -2.96 4.77 8.22
N TRP A 33 -2.66 3.52 7.86
CA TRP A 33 -3.37 2.40 8.47
C TRP A 33 -3.22 2.44 9.97
N VAL A 34 -2.04 2.81 10.47
CA VAL A 34 -1.81 2.72 11.91
C VAL A 34 -2.61 3.78 12.65
N GLY A 35 -2.70 4.99 12.09
CA GLY A 35 -3.62 5.98 12.65
C GLY A 35 -5.07 5.51 12.62
N LEU A 36 -5.47 4.87 11.51
CA LEU A 36 -6.87 4.54 11.32
C LEU A 36 -7.32 3.38 12.18
N GLN A 37 -6.43 2.42 12.47
CA GLN A 37 -6.85 1.17 13.09
C GLN A 37 -7.46 1.35 14.47
N ASP A 38 -7.26 2.50 15.12
CA ASP A 38 -7.81 2.68 16.46
C ASP A 38 -9.33 2.76 16.42
N ASP A 39 -9.88 3.60 15.55
CA ASP A 39 -11.33 3.81 15.50
C ASP A 39 -11.97 3.28 14.20
N HIS A 40 -11.26 2.46 13.42
CA HIS A 40 -11.85 1.82 12.25
C HIS A 40 -11.67 0.32 12.34
N ASP A 41 -12.67 -0.43 11.87
CA ASP A 41 -12.56 -1.87 11.66
C ASP A 41 -11.72 -2.11 10.40
N ALA A 42 -10.50 -2.59 10.58
CA ALA A 42 -9.51 -2.60 9.51
C ALA A 42 -9.14 -4.01 9.09
N PHE A 43 -9.07 -4.24 7.77
CA PHE A 43 -8.56 -5.47 7.16
C PHE A 43 -7.35 -5.09 6.33
N PHE A 44 -6.20 -5.66 6.68
CA PHE A 44 -4.96 -5.38 5.97
C PHE A 44 -4.45 -6.68 5.36
N CYS A 45 -4.24 -6.66 4.06
CA CYS A 45 -4.09 -7.88 3.30
C CYS A 45 -2.72 -7.89 2.66
N VAL A 46 -2.09 -9.06 2.65
CA VAL A 46 -0.93 -9.30 1.82
C VAL A 46 -1.51 -9.87 0.52
N VAL A 47 -1.39 -9.13 -0.58
CA VAL A 47 -2.09 -9.56 -1.77
C VAL A 47 -1.18 -10.39 -2.67
N ASP A 48 -1.00 -11.66 -2.29
CA ASP A 48 -0.13 -12.53 -3.06
C ASP A 48 -0.72 -12.90 -4.42
N LEU A 49 -2.05 -12.99 -4.57
CA LEU A 49 -2.59 -13.30 -5.90
C LEU A 49 -2.21 -12.23 -6.91
N HIS A 50 -2.02 -10.98 -6.47
CA HIS A 50 -1.56 -9.95 -7.39
C HIS A 50 -0.10 -10.13 -7.72
N ALA A 51 0.69 -10.64 -6.79
CA ALA A 51 2.12 -10.77 -7.03
C ALA A 51 2.41 -11.60 -8.29
N ILE A 52 1.62 -12.65 -8.55
CA ILE A 52 1.99 -13.57 -9.63
C ILE A 52 1.53 -13.08 -10.99
N THR A 53 1.05 -11.83 -11.08
CA THR A 53 0.83 -11.28 -12.40
C THR A 53 2.14 -11.15 -13.15
N ILE A 54 3.24 -11.19 -12.39
CA ILE A 54 4.61 -11.16 -12.86
C ILE A 54 5.22 -12.46 -12.34
N PRO A 55 6.08 -13.15 -13.08
CA PRO A 55 6.64 -14.42 -12.58
C PRO A 55 7.35 -14.23 -11.24
N GLN A 56 7.10 -15.16 -10.30
CA GLN A 56 7.63 -15.06 -8.95
C GLN A 56 8.31 -16.37 -8.56
N ASP A 57 9.44 -16.27 -7.87
CA ASP A 57 10.10 -17.46 -7.33
C ASP A 57 9.29 -18.01 -6.16
N PRO A 58 8.95 -19.30 -6.17
CA PRO A 58 8.04 -19.82 -5.13
C PRO A 58 8.58 -19.73 -3.72
N GLU A 59 9.85 -20.07 -3.49
CA GLU A 59 10.36 -19.98 -2.12
C GLU A 59 10.39 -18.53 -1.67
N ALA A 60 10.71 -17.62 -2.61
CA ALA A 60 10.74 -16.20 -2.33
C ALA A 60 9.33 -15.64 -2.10
N LEU A 61 8.37 -16.03 -2.95
CA LEU A 61 7.02 -15.51 -2.80
C LEU A 61 6.46 -15.85 -1.42
N ARG A 62 6.69 -17.07 -0.95
CA ARG A 62 6.25 -17.44 0.39
C ARG A 62 6.98 -16.65 1.46
N ARG A 63 8.31 -16.57 1.37
CA ARG A 63 9.09 -15.86 2.36
C ARG A 63 8.70 -14.39 2.40
N ARG A 64 8.43 -13.80 1.23
CA ARG A 64 8.10 -12.39 1.15
C ARG A 64 6.66 -12.15 1.60
N THR A 65 5.80 -13.14 1.42
CA THR A 65 4.46 -13.02 1.98
C THR A 65 4.54 -12.82 3.48
N LEU A 66 5.27 -13.70 4.17
CA LEU A 66 5.41 -13.53 5.62
C LEU A 66 6.13 -12.22 5.98
N ILE A 67 7.17 -11.85 5.21
CA ILE A 67 7.94 -10.65 5.54
C ILE A 67 7.08 -9.41 5.39
N THR A 68 6.13 -9.44 4.46
CA THR A 68 5.26 -8.28 4.29
C THR A 68 4.30 -8.18 5.45
N ALA A 69 3.71 -9.31 5.87
CA ALA A 69 2.93 -9.31 7.10
C ALA A 69 3.76 -8.77 8.26
N ALA A 70 5.02 -9.20 8.36
CA ALA A 70 5.85 -8.80 9.50
C ALA A 70 6.12 -7.30 9.49
N GLN A 71 6.38 -6.72 8.32
CA GLN A 71 6.55 -5.28 8.27
C GLN A 71 5.28 -4.53 8.66
N TYR A 72 4.09 -5.10 8.37
CA TYR A 72 2.86 -4.50 8.90
C TYR A 72 2.93 -4.39 10.41
N LEU A 73 3.25 -5.49 11.10
CA LEU A 73 3.33 -5.48 12.56
C LEU A 73 4.45 -4.56 13.06
N ALA A 74 5.62 -4.60 12.43
CA ALA A 74 6.71 -3.74 12.88
C ALA A 74 6.43 -2.28 12.64
N LEU A 75 5.55 -1.94 11.70
CA LEU A 75 5.19 -0.55 11.48
C LEU A 75 4.06 -0.11 12.40
N GLY A 76 3.51 -1.01 13.19
CA GLY A 76 2.54 -0.65 14.20
C GLY A 76 1.18 -1.26 14.02
N ILE A 77 0.91 -2.00 12.95
CA ILE A 77 -0.38 -2.65 12.85
C ILE A 77 -0.50 -3.58 14.04
N ASP A 78 -1.68 -3.58 14.63
CA ASP A 78 -1.93 -4.20 15.92
C ASP A 78 -2.91 -5.33 15.72
N PRO A 79 -2.50 -6.60 15.87
CA PRO A 79 -3.42 -7.71 15.60
C PRO A 79 -4.58 -7.79 16.58
N GLY A 80 -4.53 -7.02 17.67
CA GLY A 80 -5.66 -6.97 18.58
C GLY A 80 -6.75 -6.04 18.08
N ARG A 81 -6.36 -5.02 17.33
CA ARG A 81 -7.27 -4.05 16.74
C ARG A 81 -7.67 -4.40 15.31
N ALA A 82 -6.74 -4.87 14.49
CA ALA A 82 -6.97 -5.07 13.07
C ALA A 82 -6.81 -6.53 12.69
N THR A 83 -7.17 -6.81 11.44
CA THR A 83 -7.08 -8.14 10.85
C THR A 83 -6.06 -8.10 9.73
N ILE A 84 -5.06 -8.97 9.81
CA ILE A 84 -4.06 -9.14 8.75
C ILE A 84 -4.22 -10.53 8.17
N PHE A 85 -4.17 -10.65 6.86
CA PHE A 85 -4.41 -11.96 6.27
C PHE A 85 -3.80 -11.96 4.89
N VAL A 86 -3.70 -13.18 4.35
CA VAL A 86 -3.13 -13.43 3.05
C VAL A 86 -4.25 -13.61 2.05
N GLN A 87 -4.19 -12.85 0.96
CA GLN A 87 -5.26 -12.84 -0.02
C GLN A 87 -5.64 -14.25 -0.48
N SER A 88 -4.64 -15.04 -0.87
CA SER A 88 -4.94 -16.33 -1.51
C SER A 88 -5.65 -17.31 -0.58
N GLN A 89 -5.67 -17.05 0.72
CA GLN A 89 -6.31 -17.99 1.62
C GLN A 89 -7.81 -17.76 1.72
N VAL A 90 -8.35 -16.77 1.03
CA VAL A 90 -9.77 -16.45 1.09
C VAL A 90 -10.34 -16.57 -0.32
N PRO A 91 -11.06 -17.65 -0.60
CA PRO A 91 -11.52 -17.90 -1.99
C PRO A 91 -12.44 -16.85 -2.53
N ALA A 92 -13.15 -16.14 -1.65
CA ALA A 92 -14.13 -15.14 -2.07
C ALA A 92 -13.55 -14.09 -3.00
N HIS A 93 -12.25 -13.83 -2.93
CA HIS A 93 -11.69 -12.76 -3.75
C HIS A 93 -11.83 -13.07 -5.23
N THR A 94 -11.41 -14.26 -5.64
CA THR A 94 -11.53 -14.62 -7.05
C THR A 94 -12.99 -14.84 -7.44
N GLN A 95 -13.83 -15.33 -6.51
CA GLN A 95 -15.26 -15.50 -6.82
C GLN A 95 -15.89 -14.16 -7.18
N LEU A 96 -15.77 -13.20 -6.29
CA LEU A 96 -16.27 -11.87 -6.59
C LEU A 96 -15.61 -11.29 -7.84
N ALA A 97 -14.31 -11.53 -8.05
CA ALA A 97 -13.61 -10.97 -9.21
C ALA A 97 -14.20 -11.47 -10.52
N TRP A 98 -14.53 -12.77 -10.59
CA TRP A 98 -15.21 -13.26 -11.78
C TRP A 98 -16.51 -12.49 -12.02
N VAL A 99 -17.35 -12.40 -10.98
CA VAL A 99 -18.60 -11.65 -11.09
C VAL A 99 -18.34 -10.22 -11.55
N LEU A 100 -17.42 -9.52 -10.88
CA LEU A 100 -17.21 -8.11 -11.18
C LEU A 100 -16.71 -7.92 -12.60
N GLY A 101 -15.91 -8.85 -13.11
CA GLY A 101 -15.45 -8.71 -14.48
C GLY A 101 -16.59 -8.73 -15.47
N CYS A 102 -17.70 -9.38 -15.12
CA CYS A 102 -18.84 -9.38 -15.99
C CYS A 102 -19.55 -8.05 -16.03
N PHE A 103 -19.27 -7.14 -15.08
CA PHE A 103 -19.83 -5.81 -15.03
C PHE A 103 -18.78 -4.75 -15.34
N THR A 104 -17.68 -5.14 -15.97
CA THR A 104 -16.54 -4.27 -16.20
C THR A 104 -16.31 -4.16 -17.69
N GLY A 105 -16.40 -2.94 -18.21
CA GLY A 105 -16.19 -2.75 -19.64
C GLY A 105 -14.77 -3.12 -20.02
N PHE A 106 -14.65 -3.83 -21.15
CA PHE A 106 -13.33 -4.12 -21.70
C PHE A 106 -12.55 -2.84 -21.94
N GLY A 107 -13.17 -1.88 -22.63
CA GLY A 107 -12.53 -0.58 -22.80
C GLY A 107 -12.23 0.07 -21.47
N GLN A 108 -13.16 -0.07 -20.52
CA GLN A 108 -12.96 0.47 -19.19
C GLN A 108 -11.71 -0.11 -18.51
N ALA A 109 -11.39 -1.37 -18.79
CA ALA A 109 -10.17 -1.96 -18.25
C ALA A 109 -8.96 -1.73 -19.15
N SER A 110 -9.18 -1.51 -20.44
CA SER A 110 -8.07 -1.14 -21.31
C SER A 110 -7.51 0.21 -20.94
N ARG A 111 -8.36 1.16 -20.51
CA ARG A 111 -7.86 2.52 -20.38
C ARG A 111 -7.07 2.67 -19.11
N MET A 112 -6.99 1.59 -18.33
CA MET A 112 -6.22 1.56 -17.09
C MET A 112 -4.75 1.73 -17.41
N THR A 113 -4.09 2.53 -16.59
CA THR A 113 -2.80 3.11 -16.97
C THR A 113 -1.75 2.04 -17.21
N GLN A 114 -1.64 1.05 -16.31
CA GLN A 114 -0.58 0.05 -16.46
C GLN A 114 -0.77 -0.79 -17.71
N PHE A 115 -2.02 -0.99 -18.16
CA PHE A 115 -2.22 -1.71 -19.42
C PHE A 115 -1.86 -0.85 -20.64
N LYS A 116 -2.19 0.45 -20.60
CA LYS A 116 -1.63 1.37 -21.59
C LYS A 116 -0.10 1.37 -21.51
N ASP A 117 0.45 1.27 -20.29
CA ASP A 117 1.89 1.39 -20.04
C ASP A 117 2.67 0.26 -20.72
N LYS A 118 2.10 -0.95 -20.78
CA LYS A 118 2.72 -2.08 -21.48
C LYS A 118 2.24 -2.20 -22.92
N SER A 119 0.94 -2.41 -23.10
CA SER A 119 0.33 -2.56 -24.42
C SER A 119 0.17 -1.22 -25.13
N ALA A 126 3.04 -8.51 -24.97
CA ALA A 126 3.33 -9.56 -23.98
C ALA A 126 2.63 -9.27 -22.64
N THR A 127 1.49 -8.57 -22.70
CA THR A 127 0.60 -8.56 -21.55
C THR A 127 0.00 -9.95 -21.36
N THR A 128 -0.38 -10.26 -20.13
CA THR A 128 -1.18 -11.43 -19.83
C THR A 128 -2.61 -11.02 -19.53
N VAL A 129 -3.47 -12.01 -19.33
CA VAL A 129 -4.82 -11.71 -18.89
C VAL A 129 -4.78 -11.17 -17.47
N GLY A 130 -3.86 -11.69 -16.66
CA GLY A 130 -3.76 -11.27 -15.28
C GLY A 130 -3.34 -9.82 -15.16
N LEU A 131 -2.37 -9.38 -15.99
CA LEU A 131 -2.04 -7.97 -16.04
C LEU A 131 -3.23 -7.15 -16.51
N PHE A 132 -4.08 -7.72 -17.33
CA PHE A 132 -5.20 -6.94 -17.81
C PHE A 132 -6.32 -6.87 -16.77
N THR A 133 -6.57 -7.97 -16.05
CA THR A 133 -7.75 -8.03 -15.18
C THR A 133 -7.45 -7.73 -13.71
N TYR A 134 -6.19 -7.54 -13.32
CA TYR A 134 -5.91 -7.34 -11.90
C TYR A 134 -6.68 -6.17 -11.29
N PRO A 135 -6.98 -5.06 -11.99
CA PRO A 135 -7.83 -4.04 -11.35
C PRO A 135 -9.20 -4.57 -10.98
N VAL A 136 -9.70 -5.56 -11.70
CA VAL A 136 -10.97 -6.15 -11.32
C VAL A 136 -10.80 -6.97 -10.05
N LEU A 137 -9.69 -7.69 -9.93
CA LEU A 137 -9.49 -8.45 -8.69
C LEU A 137 -9.27 -7.51 -7.51
N GLN A 138 -8.57 -6.39 -7.75
CA GLN A 138 -8.45 -5.36 -6.71
C GLN A 138 -9.81 -4.85 -6.27
N ALA A 139 -10.75 -4.70 -7.22
CA ALA A 139 -12.07 -4.24 -6.83
C ALA A 139 -12.77 -5.27 -5.94
N ALA A 140 -12.58 -6.55 -6.25
CA ALA A 140 -13.18 -7.59 -5.42
C ALA A 140 -12.53 -7.64 -4.05
N ASP A 141 -11.21 -7.43 -3.99
CA ASP A 141 -10.50 -7.36 -2.71
C ASP A 141 -11.20 -6.41 -1.75
N VAL A 142 -11.50 -5.20 -2.23
CA VAL A 142 -12.14 -4.17 -1.41
C VAL A 142 -13.61 -4.47 -1.20
N LEU A 143 -14.37 -4.66 -2.28
CA LEU A 143 -15.82 -4.79 -2.15
C LEU A 143 -16.24 -6.01 -1.36
N ALA A 144 -15.35 -7.02 -1.24
CA ALA A 144 -15.78 -8.25 -0.59
C ALA A 144 -15.98 -8.08 0.91
N TYR A 145 -15.46 -7.00 1.49
CA TYR A 145 -15.49 -6.78 2.93
C TYR A 145 -16.39 -5.62 3.33
N ASP A 146 -17.37 -5.28 2.49
CA ASP A 146 -18.29 -4.18 2.80
C ASP A 146 -17.51 -2.94 3.22
N THR A 147 -16.46 -2.67 2.47
CA THR A 147 -15.46 -1.69 2.87
C THR A 147 -16.00 -0.28 2.70
N GLU A 148 -15.92 0.52 3.76
CA GLU A 148 -16.35 1.91 3.70
C GLU A 148 -15.24 2.85 3.24
N LEU A 149 -13.98 2.57 3.55
CA LEU A 149 -12.90 3.44 3.10
C LEU A 149 -11.66 2.63 2.78
N VAL A 150 -10.91 3.10 1.80
CA VAL A 150 -9.71 2.46 1.31
C VAL A 150 -8.54 3.44 1.43
N PRO A 151 -7.65 3.25 2.42
CA PRO A 151 -6.47 4.12 2.54
C PRO A 151 -5.38 3.66 1.60
N VAL A 152 -5.08 4.48 0.60
CA VAL A 152 -4.04 4.16 -0.38
C VAL A 152 -3.32 5.43 -0.78
N GLY A 153 -2.16 5.26 -1.37
CA GLY A 153 -1.51 6.38 -1.99
C GLY A 153 -2.16 6.79 -3.29
N GLU A 154 -1.63 7.88 -3.80
CA GLU A 154 -2.21 8.56 -4.95
C GLU A 154 -2.20 7.68 -6.21
N ASP A 155 -1.20 6.81 -6.34
CA ASP A 155 -1.08 5.92 -7.49
C ASP A 155 -2.20 4.88 -7.58
N GLN A 156 -3.03 4.73 -6.54
CA GLN A 156 -4.07 3.70 -6.57
C GLN A 156 -5.46 4.26 -6.85
N ARG A 157 -5.54 5.58 -6.99
CA ARG A 157 -6.79 6.29 -7.26
C ARG A 157 -7.54 5.85 -8.50
N GLN A 158 -6.85 5.68 -9.64
CA GLN A 158 -7.58 5.30 -10.84
C GLN A 158 -8.15 3.89 -10.68
N HIS A 159 -7.39 3.01 -10.02
CA HIS A 159 -7.87 1.66 -9.74
C HIS A 159 -9.16 1.68 -8.94
N LEU A 160 -9.24 2.54 -7.95
CA LEU A 160 -10.36 2.49 -7.02
C LEU A 160 -11.55 3.28 -7.51
N GLU A 161 -11.38 4.11 -8.54
CA GLU A 161 -12.56 4.64 -9.21
C GLU A 161 -13.21 3.56 -10.09
N LEU A 162 -12.42 2.62 -10.62
CA LEU A 162 -13.02 1.45 -11.26
C LEU A 162 -13.77 0.60 -10.25
N ALA A 163 -13.18 0.39 -9.08
CA ALA A 163 -13.88 -0.38 -8.06
C ALA A 163 -15.18 0.31 -7.67
N ARG A 164 -15.17 1.64 -7.57
CA ARG A 164 -16.40 2.32 -7.20
C ARG A 164 -17.42 2.25 -8.34
N ASP A 165 -16.98 2.48 -9.58
N ASP A 165 -16.97 2.48 -9.58
CA ASP A 165 -17.89 2.45 -10.72
CA ASP A 165 -17.87 2.45 -10.73
C ASP A 165 -18.53 1.06 -10.89
C ASP A 165 -18.51 1.07 -10.90
N VAL A 166 -17.73 0.00 -10.79
CA VAL A 166 -18.30 -1.34 -10.94
C VAL A 166 -19.26 -1.65 -9.79
N ALA A 167 -18.95 -1.19 -8.58
CA ALA A 167 -19.88 -1.36 -7.49
C ALA A 167 -21.21 -0.65 -7.78
N GLN A 168 -21.14 0.56 -8.38
CA GLN A 168 -22.35 1.29 -8.72
C GLN A 168 -23.09 0.66 -9.88
N ARG A 169 -22.35 0.18 -10.89
CA ARG A 169 -22.98 -0.55 -11.97
C ARG A 169 -23.69 -1.79 -11.46
N PHE A 170 -23.04 -2.53 -10.55
CA PHE A 170 -23.69 -3.72 -9.99
C PHE A 170 -24.93 -3.35 -9.20
N ASN A 171 -24.83 -2.33 -8.35
CA ASN A 171 -25.97 -1.98 -7.50
C ASN A 171 -27.14 -1.44 -8.32
N SER A 172 -26.85 -0.80 -9.46
CA SER A 172 -27.95 -0.34 -10.30
C SER A 172 -28.86 -1.50 -10.69
N ARG A 173 -28.27 -2.67 -10.99
CA ARG A 173 -29.10 -3.84 -11.25
C ARG A 173 -29.63 -4.47 -9.96
N PHE A 174 -28.84 -4.46 -8.89
CA PHE A 174 -29.20 -5.13 -7.63
C PHE A 174 -28.99 -4.12 -6.51
N PRO A 175 -29.97 -3.26 -6.29
CA PRO A 175 -29.82 -2.21 -5.27
C PRO A 175 -29.41 -2.75 -3.91
N GLY A 176 -28.53 -2.00 -3.25
CA GLY A 176 -28.16 -2.29 -1.88
C GLY A 176 -27.29 -3.51 -1.67
N THR A 177 -26.59 -3.96 -2.70
CA THR A 177 -25.89 -5.22 -2.54
C THR A 177 -24.44 -5.02 -2.12
N LEU A 178 -23.78 -3.99 -2.63
CA LEU A 178 -22.37 -3.77 -2.40
C LEU A 178 -22.15 -2.38 -1.81
N VAL A 179 -21.31 -2.30 -0.77
CA VAL A 179 -20.91 -0.99 -0.24
C VAL A 179 -20.01 -0.31 -1.27
N VAL A 180 -20.27 0.96 -1.54
CA VAL A 180 -19.41 1.74 -2.44
C VAL A 180 -18.34 2.43 -1.59
N PRO A 181 -17.07 2.09 -1.75
CA PRO A 181 -16.06 2.60 -0.83
C PRO A 181 -15.61 4.00 -1.18
N ASP A 182 -15.28 4.76 -0.15
CA ASP A 182 -14.67 6.08 -0.32
C ASP A 182 -13.17 5.92 -0.37
N VAL A 183 -12.52 6.62 -1.29
CA VAL A 183 -11.08 6.52 -1.41
C VAL A 183 -10.46 7.53 -0.46
N LEU A 184 -9.56 7.04 0.40
CA LEU A 184 -9.02 7.89 1.45
C LEU A 184 -7.52 8.01 1.15
N ILE A 185 -7.13 9.14 0.57
CA ILE A 185 -5.76 9.35 0.14
C ILE A 185 -5.15 10.50 0.90
N PRO A 186 -3.97 10.31 1.41
CA PRO A 186 -3.22 11.28 2.19
C PRO A 186 -2.76 12.46 1.35
N LYS A 187 -2.06 13.39 1.94
CA LYS A 187 -1.65 14.52 1.17
C LYS A 187 -0.22 14.62 0.80
N MET A 188 0.65 14.90 1.75
CA MET A 188 2.08 15.04 1.46
C MET A 188 2.70 13.68 1.18
N THR A 189 2.63 12.80 2.16
CA THR A 189 3.18 11.47 2.04
C THR A 189 2.56 10.67 0.91
N ALA A 190 1.45 11.16 0.33
CA ALA A 190 0.74 10.46 -0.73
C ALA A 190 1.69 10.12 -1.88
N LYS A 191 2.87 10.72 -1.88
CA LYS A 191 3.91 10.30 -2.81
C LYS A 191 5.28 10.58 -2.19
N ILE A 192 6.00 9.50 -1.88
CA ILE A 192 7.43 9.59 -1.62
C ILE A 192 8.15 9.32 -2.94
N TYR A 193 9.02 10.25 -3.32
CA TYR A 193 9.66 10.21 -4.63
C TYR A 193 11.01 9.51 -4.57
N ASP A 194 11.43 9.02 -5.72
CA ASP A 194 12.78 8.52 -5.86
C ASP A 194 13.79 9.61 -5.53
N LEU A 195 14.91 9.19 -4.92
CA LEU A 195 15.91 10.15 -4.48
C LEU A 195 16.85 10.56 -5.61
N GLN A 196 17.07 9.68 -6.58
CA GLN A 196 17.86 10.06 -7.74
C GLN A 196 17.02 10.68 -8.85
N ASP A 197 15.69 10.61 -8.74
CA ASP A 197 14.78 11.22 -9.71
C ASP A 197 13.53 11.67 -8.99
N PRO A 198 13.55 12.86 -8.37
CA PRO A 198 12.44 13.29 -7.50
C PRO A 198 11.21 13.69 -8.27
N THR A 199 11.13 13.28 -9.53
CA THR A 199 9.93 13.49 -10.33
C THR A 199 8.95 12.34 -10.21
N SER A 200 9.45 11.11 -10.35
CA SER A 200 8.66 9.88 -10.33
C SER A 200 8.65 9.23 -8.94
N LYS A 201 7.62 8.41 -8.68
CA LYS A 201 7.45 7.82 -7.36
C LYS A 201 8.54 6.81 -7.06
N MET A 202 8.92 6.75 -5.79
CA MET A 202 9.77 5.69 -5.31
C MET A 202 9.04 4.37 -5.47
N SER A 203 9.57 3.52 -6.35
CA SER A 203 8.90 2.30 -6.73
C SER A 203 9.91 1.16 -6.81
N LYS A 204 9.42 -0.07 -6.72
CA LYS A 204 10.27 -1.24 -6.90
C LYS A 204 10.59 -1.52 -8.37
N SER A 205 10.30 -0.58 -9.28
CA SER A 205 10.38 -0.81 -10.71
C SER A 205 11.23 0.23 -11.45
N ALA A 206 12.00 1.04 -10.73
CA ALA A 206 12.84 2.06 -11.35
C ALA A 206 14.26 1.58 -11.65
N GLY A 207 14.47 0.25 -11.65
CA GLY A 207 15.74 -0.34 -12.02
C GLY A 207 16.76 -0.37 -10.89
N THR A 208 17.31 0.81 -10.56
CA THR A 208 18.32 0.92 -9.52
C THR A 208 17.67 1.08 -8.15
N ASP A 209 18.14 0.29 -7.19
CA ASP A 209 17.80 0.53 -5.80
C ASP A 209 18.36 1.85 -5.29
N ALA A 210 19.14 2.57 -6.10
CA ALA A 210 19.88 3.72 -5.60
C ALA A 210 18.96 4.83 -5.10
N GLY A 211 17.82 5.03 -5.76
CA GLY A 211 16.86 6.01 -5.31
C GLY A 211 15.81 5.46 -4.35
N LEU A 212 16.01 4.24 -3.87
CA LEU A 212 15.02 3.43 -3.19
C LEU A 212 15.47 3.23 -1.75
N ILE A 213 14.62 3.60 -0.80
CA ILE A 213 14.92 3.42 0.61
C ILE A 213 14.09 2.23 1.10
N ASN A 214 14.72 1.09 1.26
CA ASN A 214 14.00 -0.08 1.75
C ASN A 214 14.00 -0.09 3.26
N LEU A 215 12.84 -0.39 3.85
CA LEU A 215 12.76 -0.47 5.30
C LEU A 215 13.86 -1.36 5.85
N LEU A 216 14.07 -2.52 5.25
CA LEU A 216 14.90 -3.54 5.89
C LEU A 216 16.33 -3.55 5.36
N ASP A 217 16.68 -2.66 4.43
CA ASP A 217 18.06 -2.51 3.98
C ASP A 217 18.98 -2.16 5.13
N ASP A 218 20.27 -2.19 4.82
CA ASP A 218 21.29 -1.76 5.78
C ASP A 218 21.10 -0.27 6.11
N PRO A 219 20.80 0.07 7.35
CA PRO A 219 20.58 1.49 7.71
C PRO A 219 21.66 2.44 7.21
N ALA A 220 22.93 2.04 7.30
CA ALA A 220 23.99 2.88 6.77
C ALA A 220 23.90 3.02 5.26
N LEU A 221 23.40 1.97 4.57
CA LEU A 221 23.22 2.06 3.13
C LEU A 221 22.10 3.04 2.78
N SER A 222 20.97 2.94 3.48
CA SER A 222 19.89 3.90 3.24
C SER A 222 20.33 5.32 3.56
N ALA A 223 21.01 5.53 4.69
CA ALA A 223 21.55 6.85 5.02
C ALA A 223 22.48 7.36 3.92
N LYS A 224 23.27 6.46 3.32
CA LYS A 224 24.14 6.84 2.22
C LYS A 224 23.34 7.31 1.02
N LYS A 225 22.24 6.63 0.70
CA LYS A 225 21.39 7.02 -0.42
C LYS A 225 20.76 8.37 -0.18
N ILE A 226 20.30 8.60 1.06
CA ILE A 226 19.77 9.91 1.44
C ILE A 226 20.83 10.98 1.31
N ARG A 227 22.06 10.69 1.76
CA ARG A 227 23.04 11.76 1.81
C ARG A 227 23.45 12.12 0.37
N SER A 228 23.14 11.22 -0.57
CA SER A 228 23.48 11.33 -1.98
C SER A 228 22.29 11.80 -2.83
N ALA A 229 21.23 12.31 -2.19
CA ALA A 229 20.00 12.65 -2.87
C ALA A 229 20.15 13.89 -3.76
N VAL A 230 19.43 13.89 -4.88
CA VAL A 230 19.44 15.00 -5.83
C VAL A 230 18.57 16.12 -5.28
N THR A 231 19.18 17.25 -4.95
CA THR A 231 18.47 18.46 -4.57
C THR A 231 18.52 19.46 -5.74
N ASP A 232 18.41 20.75 -5.44
CA ASP A 232 18.56 21.75 -6.49
C ASP A 232 19.72 22.68 -6.19
N SER A 233 19.65 23.93 -6.68
CA SER A 233 20.74 24.88 -6.62
C SER A 233 20.47 26.10 -5.74
N GLU A 234 19.20 26.38 -5.40
CA GLU A 234 18.86 27.61 -4.69
C GLU A 234 19.54 27.73 -3.32
N ARG A 235 19.87 26.62 -2.69
CA ARG A 235 20.46 26.73 -1.37
C ARG A 235 19.53 27.38 -0.40
N ASP A 236 18.26 27.14 -0.59
CA ASP A 236 17.18 27.60 0.27
C ASP A 236 16.35 26.37 0.61
N ILE A 237 16.14 26.12 1.90
CA ILE A 237 15.32 24.97 2.33
C ILE A 237 13.89 25.47 2.43
N ARG A 238 13.08 25.15 1.42
CA ARG A 238 11.68 25.56 1.38
C ARG A 238 10.88 24.45 0.71
N TYR A 239 9.65 24.26 1.16
CA TYR A 239 8.81 23.18 0.66
C TYR A 239 7.99 23.68 -0.52
N ASP A 240 8.38 23.26 -1.74
CA ASP A 240 7.55 23.48 -2.92
C ASP A 240 7.82 22.35 -3.90
N PRO A 241 6.91 21.37 -3.97
CA PRO A 241 7.22 20.14 -4.71
C PRO A 241 7.48 20.33 -6.19
N ASP A 242 6.84 21.32 -6.82
CA ASP A 242 7.16 21.60 -8.22
C ASP A 242 8.59 22.11 -8.41
N VAL A 243 8.84 23.32 -7.92
CA VAL A 243 10.12 23.96 -8.16
C VAL A 243 11.23 23.24 -7.42
N LYS A 244 10.94 22.69 -6.24
CA LYS A 244 11.95 22.05 -5.40
C LYS A 244 11.61 20.56 -5.23
N PRO A 245 11.87 19.73 -6.23
CA PRO A 245 11.49 18.32 -6.13
C PRO A 245 12.28 17.57 -5.06
N GLY A 246 13.60 17.42 -5.24
CA GLY A 246 14.38 16.72 -4.26
C GLY A 246 14.21 17.27 -2.86
N VAL A 247 14.25 18.59 -2.74
CA VAL A 247 14.29 19.22 -1.43
C VAL A 247 12.95 19.04 -0.71
N SER A 248 11.83 19.16 -1.43
CA SER A 248 10.54 18.96 -0.78
C SER A 248 10.33 17.50 -0.38
N ASN A 249 10.86 16.56 -1.17
CA ASN A 249 10.75 15.14 -0.83
C ASN A 249 11.43 14.84 0.49
N LEU A 250 12.67 15.29 0.63
CA LEU A 250 13.43 15.06 1.86
C LEU A 250 12.72 15.63 3.07
N LEU A 251 12.21 16.86 2.96
CA LEU A 251 11.45 17.44 4.07
C LEU A 251 10.19 16.63 4.33
N ASN A 252 9.55 16.19 3.26
CA ASN A 252 8.40 15.30 3.38
C ASN A 252 8.78 14.04 4.13
N ILE A 253 9.92 13.44 3.75
CA ILE A 253 10.39 12.22 4.41
C ILE A 253 10.67 12.50 5.89
N GLN A 254 11.46 13.54 6.15
CA GLN A 254 11.86 13.83 7.54
C GLN A 254 10.63 14.14 8.39
N SER A 255 9.72 14.94 7.84
CA SER A 255 8.48 15.25 8.55
C SER A 255 7.73 13.97 8.91
N ALA A 256 7.58 13.06 7.93
CA ALA A 256 6.73 11.88 8.12
C ALA A 256 7.30 10.93 9.18
N VAL A 257 8.62 10.75 9.23
CA VAL A 257 9.21 9.80 10.18
C VAL A 257 9.47 10.41 11.55
N THR A 258 9.14 11.68 11.76
CA THR A 258 9.43 12.34 13.03
C THR A 258 8.18 12.87 13.74
N GLY A 259 7.13 13.21 13.01
CA GLY A 259 5.97 13.86 13.59
C GLY A 259 5.96 15.37 13.53
N THR A 260 7.04 15.98 13.04
CA THR A 260 7.15 17.43 12.94
C THR A 260 6.55 17.91 11.63
N ASP A 261 5.69 18.94 11.70
CA ASP A 261 5.14 19.51 10.46
C ASP A 261 6.28 20.04 9.58
N ILE A 262 5.98 20.21 8.30
CA ILE A 262 6.98 20.71 7.36
C ILE A 262 7.28 22.19 7.61
N ASP A 263 6.27 23.00 7.94
CA ASP A 263 6.54 24.41 8.17
C ASP A 263 7.49 24.62 9.37
N VAL A 264 7.21 23.95 10.50
CA VAL A 264 8.11 23.98 11.64
C VAL A 264 9.52 23.54 11.24
N LEU A 265 9.61 22.60 10.30
CA LEU A 265 10.92 22.17 9.83
C LEU A 265 11.57 23.24 8.97
N VAL A 266 10.83 23.78 7.99
CA VAL A 266 11.41 24.75 7.06
C VAL A 266 11.89 25.99 7.81
N ASP A 267 11.14 26.40 8.84
CA ASP A 267 11.54 27.56 9.65
C ASP A 267 12.80 27.26 10.45
N GLY A 268 12.91 26.05 11.01
CA GLY A 268 14.13 25.66 11.70
C GLY A 268 15.32 25.53 10.78
N TYR A 269 15.08 25.48 9.46
CA TYR A 269 16.12 25.34 8.45
C TYR A 269 16.47 26.67 7.78
N ALA A 270 15.95 27.80 8.28
CA ALA A 270 16.36 29.10 7.77
C ALA A 270 17.84 29.32 8.06
N GLY A 271 18.60 29.66 7.01
CA GLY A 271 20.04 29.76 7.11
C GLY A 271 20.79 28.46 6.94
N HIS A 272 20.12 27.31 7.09
CA HIS A 272 20.77 26.03 6.86
C HIS A 272 20.86 25.71 5.37
N GLY A 273 21.82 24.84 5.05
CA GLY A 273 22.02 24.36 3.70
C GLY A 273 21.44 22.98 3.47
N TYR A 274 21.66 22.49 2.24
CA TYR A 274 21.13 21.18 1.86
C TYR A 274 21.91 20.04 2.49
N GLY A 275 23.18 20.28 2.84
CA GLY A 275 23.93 19.25 3.56
C GLY A 275 23.28 18.95 4.91
N ASP A 276 22.88 19.99 5.63
CA ASP A 276 22.20 19.79 6.90
C ASP A 276 20.89 19.06 6.71
N LEU A 277 20.20 19.33 5.60
CA LEU A 277 18.91 18.70 5.37
C LEU A 277 19.06 17.19 5.21
N LYS A 278 20.08 16.74 4.46
CA LYS A 278 20.28 15.31 4.24
C LYS A 278 20.74 14.61 5.51
N LYS A 279 21.70 15.21 6.22
CA LYS A 279 22.11 14.76 7.55
C LYS A 279 20.93 14.34 8.41
N ASP A 280 20.03 15.29 8.66
CA ASP A 280 18.96 15.05 9.61
C ASP A 280 17.99 14.02 9.09
N THR A 281 17.65 14.11 7.80
CA THR A 281 16.70 13.15 7.24
C THR A 281 17.29 11.74 7.30
N ALA A 282 18.53 11.57 6.83
CA ALA A 282 19.18 10.26 6.97
C ALA A 282 19.16 9.80 8.42
N GLU A 283 19.60 10.67 9.31
CA GLU A 283 19.70 10.31 10.71
C GLU A 283 18.32 9.95 11.29
N ALA A 284 17.26 10.62 10.86
CA ALA A 284 15.94 10.28 11.37
C ALA A 284 15.42 8.99 10.73
N VAL A 285 15.73 8.76 9.45
CA VAL A 285 15.34 7.51 8.81
C VAL A 285 15.99 6.34 9.52
N VAL A 286 17.31 6.41 9.73
CA VAL A 286 18.02 5.38 10.47
C VAL A 286 17.33 5.13 11.80
N GLU A 287 17.00 6.21 12.52
CA GLU A 287 16.28 6.04 13.78
C GLU A 287 14.92 5.39 13.58
N PHE A 288 14.30 5.62 12.41
CA PHE A 288 13.01 5.02 12.10
C PHE A 288 13.15 3.52 11.80
N VAL A 289 14.11 3.15 10.96
CA VAL A 289 14.12 1.77 10.47
C VAL A 289 14.70 0.79 11.46
N ASN A 290 15.60 1.22 12.36
CA ASN A 290 16.23 0.25 13.27
C ASN A 290 15.26 -0.47 14.17
N PRO A 291 14.29 0.19 14.81
CA PRO A 291 13.30 -0.60 15.57
C PRO A 291 12.50 -1.51 14.67
N ILE A 292 12.23 -1.12 13.43
CA ILE A 292 11.49 -1.97 12.50
C ILE A 292 12.28 -3.25 12.24
N GLN A 293 13.56 -3.10 11.88
CA GLN A 293 14.36 -4.26 11.55
C GLN A 293 14.49 -5.20 12.74
N ALA A 294 14.58 -4.66 13.96
CA ALA A 294 14.66 -5.52 15.12
C ALA A 294 13.38 -6.33 15.29
N ARG A 295 12.21 -5.69 15.07
CA ARG A 295 10.94 -6.38 15.17
C ARG A 295 10.78 -7.42 14.06
N VAL A 296 11.14 -7.04 12.84
CA VAL A 296 11.08 -7.95 11.71
C VAL A 296 11.98 -9.15 11.93
N ASP A 297 13.21 -8.91 12.42
CA ASP A 297 14.15 -10.01 12.63
C ASP A 297 13.58 -11.04 13.61
N GLU A 298 13.00 -10.58 14.74
CA GLU A 298 12.39 -11.52 15.68
C GLU A 298 11.20 -12.25 15.07
N LEU A 299 10.35 -11.54 14.30
CA LEU A 299 9.17 -12.19 13.74
C LEU A 299 9.54 -13.21 12.67
N THR A 300 10.66 -12.99 11.96
CA THR A 300 11.16 -14.00 11.02
C THR A 300 11.77 -15.19 11.76
N ALA A 301 12.51 -14.93 12.83
CA ALA A 301 13.11 -16.04 13.55
C ALA A 301 12.11 -16.82 14.39
N ASP A 302 11.03 -16.17 14.85
CA ASP A 302 10.01 -16.80 15.69
C ASP A 302 8.66 -16.67 14.99
N PRO A 303 8.36 -17.54 14.02
CA PRO A 303 7.17 -17.35 13.18
C PRO A 303 5.87 -17.84 13.78
N ALA A 304 5.85 -18.36 15.01
CA ALA A 304 4.59 -18.80 15.60
C ALA A 304 3.61 -17.64 15.61
N GLU A 305 4.04 -16.51 16.20
CA GLU A 305 3.18 -15.35 16.40
C GLU A 305 2.57 -14.93 15.07
N LEU A 306 3.44 -14.75 14.10
CA LEU A 306 3.04 -14.21 12.82
C LEU A 306 2.07 -15.12 12.09
N GLU A 307 2.23 -16.44 12.23
CA GLU A 307 1.35 -17.28 11.45
C GLU A 307 0.06 -17.55 12.23
N ALA A 308 0.07 -17.39 13.55
CA ALA A 308 -1.20 -17.36 14.28
C ALA A 308 -2.03 -16.14 13.91
N VAL A 309 -1.37 -14.97 13.77
CA VAL A 309 -2.08 -13.76 13.32
C VAL A 309 -2.74 -14.01 11.97
N LEU A 310 -1.96 -14.49 11.00
CA LEU A 310 -2.49 -14.75 9.66
C LEU A 310 -3.59 -15.78 9.70
N ALA A 311 -3.46 -16.78 10.58
CA ALA A 311 -4.49 -17.80 10.66
C ALA A 311 -5.78 -17.24 11.24
N ALA A 312 -5.68 -16.43 12.29
CA ALA A 312 -6.86 -15.77 12.82
C ALA A 312 -7.44 -14.80 11.80
N GLY A 313 -6.56 -14.08 11.09
CA GLY A 313 -7.03 -13.14 10.09
C GLY A 313 -7.79 -13.83 8.97
N ALA A 314 -7.24 -14.93 8.46
CA ALA A 314 -7.90 -15.61 7.36
C ALA A 314 -9.26 -16.14 7.77
N GLN A 315 -9.40 -16.66 9.00
CA GLN A 315 -10.72 -17.14 9.39
C GLN A 315 -11.70 -15.98 9.48
N ARG A 316 -11.26 -14.85 10.02
CA ARG A 316 -12.15 -13.71 10.11
C ARG A 316 -12.49 -13.17 8.73
N ALA A 317 -11.49 -13.11 7.83
CA ALA A 317 -11.74 -12.61 6.49
C ALA A 317 -12.75 -13.50 5.78
N HIS A 318 -12.58 -14.82 5.90
CA HIS A 318 -13.48 -15.75 5.23
C HIS A 318 -14.90 -15.60 5.74
N ASP A 319 -15.07 -15.35 7.04
CA ASP A 319 -16.40 -15.20 7.61
C ASP A 319 -17.11 -14.01 6.98
N VAL A 320 -16.38 -12.92 6.76
CA VAL A 320 -16.96 -11.73 6.15
C VAL A 320 -17.12 -11.92 4.66
N ALA A 321 -16.02 -12.24 3.98
CA ALA A 321 -16.01 -12.20 2.53
C ALA A 321 -16.97 -13.22 1.93
N SER A 322 -17.06 -14.40 2.53
CA SER A 322 -18.00 -15.40 2.00
C SER A 322 -19.46 -14.95 2.12
N LYS A 323 -19.83 -14.13 3.12
CA LYS A 323 -21.21 -13.65 3.18
C LYS A 323 -21.51 -12.73 2.00
N THR A 324 -20.57 -11.83 1.70
CA THR A 324 -20.72 -10.96 0.56
C THR A 324 -20.95 -11.77 -0.71
N VAL A 325 -20.12 -12.80 -0.91
CA VAL A 325 -20.20 -13.57 -2.14
C VAL A 325 -21.54 -14.28 -2.24
N GLN A 326 -22.03 -14.85 -1.13
CA GLN A 326 -23.34 -15.47 -1.23
C GLN A 326 -24.44 -14.44 -1.42
N ARG A 327 -24.27 -13.22 -0.87
CA ARG A 327 -25.29 -12.22 -1.13
C ARG A 327 -25.29 -11.84 -2.61
N VAL A 328 -24.11 -11.70 -3.20
CA VAL A 328 -24.01 -11.40 -4.63
C VAL A 328 -24.59 -12.55 -5.45
N TYR A 329 -24.25 -13.78 -5.07
CA TYR A 329 -24.68 -14.93 -5.84
C TYR A 329 -26.19 -15.02 -5.83
N ASP A 330 -26.78 -14.89 -4.64
CA ASP A 330 -28.23 -14.87 -4.53
C ASP A 330 -28.85 -13.81 -5.45
N ARG A 331 -28.29 -12.60 -5.46
CA ARG A 331 -28.84 -11.55 -6.31
C ARG A 331 -28.75 -11.92 -7.77
N LEU A 332 -27.67 -12.59 -8.16
CA LEU A 332 -27.50 -12.94 -9.56
C LEU A 332 -28.46 -14.03 -10.01
N GLY A 333 -28.97 -14.80 -9.06
CA GLY A 333 -29.84 -15.91 -9.38
C GLY A 333 -29.17 -17.25 -9.38
N PHE A 334 -27.95 -17.37 -8.86
CA PHE A 334 -27.30 -18.66 -8.76
C PHE A 334 -28.03 -19.53 -7.76
N LEU A 335 -28.04 -20.83 -8.03
CA LEU A 335 -28.56 -21.79 -7.08
C LEU A 335 -27.52 -22.04 -6.00
N LEU A 336 -27.89 -21.86 -4.73
CA LEU A 336 -26.88 -21.78 -3.69
C LEU A 336 -26.51 -23.13 -3.09
#